data_5CYN
#
_entry.id   5CYN
#
_cell.length_a   103.540
_cell.length_b   103.540
_cell.length_c   34.340
_cell.angle_alpha   90.00
_cell.angle_beta   90.00
_cell.angle_gamma   90.00
#
_symmetry.space_group_name_H-M   'I 41'
#
loop_
_entity.id
_entity.type
_entity.pdbx_description
1 polymer 'Large T antigen'
2 non-polymer 1,2-ETHANEDIOL
3 water water
#
_entity_poly.entity_id   1
_entity_poly.type   'polypeptide(L)'
_entity_poly.pdbx_seq_one_letter_code
;KVEDPKDFPVDLHAFLSQAVFSNRTVASFAVYTTKEKAQILYKKLMEKYSVTFISRHGFGGHNILFFLTPHRHRVSAINN
YCQKLCTFSFLICKGVNKEYLFYSALCRQPYAVVEESIQGGLKEHDLNPE
;
_entity_poly.pdbx_strand_id   A
#
loop_
_chem_comp.id
_chem_comp.type
_chem_comp.name
_chem_comp.formula
EDO non-polymer 1,2-ETHANEDIOL 'C2 H6 O2'
#
# COMPACT_ATOMS: atom_id res chain seq x y z
N VAL A 2 -18.87 -9.18 6.18
CA VAL A 2 -18.94 -10.66 5.94
C VAL A 2 -18.04 -11.05 4.75
N GLU A 3 -18.43 -10.62 3.54
CA GLU A 3 -17.63 -10.86 2.32
C GLU A 3 -16.41 -9.91 2.16
N ASP A 4 -16.06 -9.16 3.21
CA ASP A 4 -14.86 -8.32 3.22
C ASP A 4 -13.59 -9.16 3.07
N PRO A 5 -12.65 -8.72 2.21
CA PRO A 5 -11.42 -9.49 2.05
C PRO A 5 -10.65 -9.66 3.37
N LYS A 6 -10.12 -10.86 3.58
CA LYS A 6 -9.30 -11.20 4.76
C LYS A 6 -7.79 -10.97 4.51
N ASP A 7 -7.41 -10.78 3.23
CA ASP A 7 -6.02 -10.60 2.83
C ASP A 7 -5.98 -9.82 1.50
N PHE A 8 -4.78 -9.55 0.99
CA PHE A 8 -4.60 -8.97 -0.36
C PHE A 8 -5.01 -10.04 -1.37
N PRO A 9 -5.34 -9.64 -2.61
CA PRO A 9 -5.58 -10.64 -3.65
C PRO A 9 -4.41 -11.64 -3.77
N VAL A 10 -4.75 -12.90 -4.03
CA VAL A 10 -3.77 -14.00 -4.07
C VAL A 10 -2.62 -13.75 -5.05
N ASP A 11 -2.86 -13.04 -6.15
CA ASP A 11 -1.81 -12.76 -7.15
C ASP A 11 -0.72 -11.80 -6.68
N LEU A 12 -0.99 -11.07 -5.59
CA LEU A 12 -0.02 -10.16 -4.99
C LEU A 12 0.73 -10.76 -3.79
N HIS A 13 0.28 -11.92 -3.29
CA HIS A 13 0.90 -12.54 -2.08
C HIS A 13 2.41 -12.71 -2.17
N ALA A 14 2.90 -13.03 -3.37
CA ALA A 14 4.33 -13.16 -3.66
C ALA A 14 5.16 -11.94 -3.25
N PHE A 15 4.62 -10.74 -3.42
CA PHE A 15 5.36 -9.49 -3.17
C PHE A 15 5.29 -8.99 -1.71
N LEU A 16 4.63 -9.74 -0.82
CA LEU A 16 4.23 -9.23 0.50
C LEU A 16 4.77 -10.05 1.66
N SER A 17 5.15 -9.37 2.74
CA SER A 17 5.43 -10.02 4.00
C SER A 17 4.14 -10.33 4.77
N GLN A 18 4.12 -11.53 5.35
CA GLN A 18 3.03 -12.06 6.16
C GLN A 18 3.23 -11.75 7.66
N ALA A 19 4.47 -11.42 8.06
CA ALA A 19 4.78 -11.10 9.44
C ALA A 19 4.32 -9.67 9.80
N VAL A 20 3.01 -9.57 10.04
CA VAL A 20 2.39 -8.27 10.35
C VAL A 20 2.76 -7.76 11.75
N PHE A 21 3.10 -8.68 12.66
CA PHE A 21 3.55 -8.33 14.03
C PHE A 21 5.07 -8.26 14.23
N SER A 22 5.84 -8.38 13.15
CA SER A 22 7.31 -8.36 13.22
C SER A 22 7.93 -7.07 13.78
N ASN A 23 9.11 -7.21 14.37
CA ASN A 23 9.88 -6.07 14.89
C ASN A 23 10.77 -5.39 13.87
N ARG A 24 10.92 -6.00 12.68
CA ARG A 24 11.81 -5.48 11.66
C ARG A 24 11.18 -4.30 10.96
N THR A 25 11.88 -3.17 11.00
CA THR A 25 11.40 -1.96 10.39
C THR A 25 11.72 -2.00 8.91
N VAL A 26 10.76 -1.56 8.10
CA VAL A 26 10.87 -1.54 6.65
C VAL A 26 10.46 -0.18 6.10
N ALA A 27 10.69 0.03 4.80
CA ALA A 27 10.37 1.30 4.12
C ALA A 27 9.40 1.14 2.91
N SER A 28 8.80 -0.03 2.74
CA SER A 28 7.89 -0.27 1.61
C SER A 28 6.61 -0.88 2.15
N PHE A 29 5.48 -0.24 1.83
CA PHE A 29 4.21 -0.61 2.41
C PHE A 29 3.10 -0.71 1.38
N ALA A 30 2.15 -1.58 1.66
CA ALA A 30 0.95 -1.75 0.83
C ALA A 30 -0.28 -1.79 1.73
N VAL A 31 -1.36 -1.14 1.29
CA VAL A 31 -2.61 -1.11 2.04
C VAL A 31 -3.75 -1.50 1.09
N TYR A 32 -4.59 -2.43 1.51
CA TYR A 32 -5.77 -2.88 0.74
C TYR A 32 -7.01 -2.54 1.56
N THR A 33 -7.91 -1.74 0.97
CA THR A 33 -9.10 -1.26 1.67
C THR A 33 -10.17 -0.79 0.63
N THR A 34 -11.15 0.00 1.09
CA THR A 34 -12.14 0.58 0.19
C THR A 34 -11.53 1.75 -0.56
N LYS A 35 -12.10 2.04 -1.73
CA LYS A 35 -11.76 3.26 -2.48
C LYS A 35 -11.93 4.52 -1.61
N GLU A 36 -13.00 4.54 -0.80
CA GLU A 36 -13.27 5.64 0.14
C GLU A 36 -12.10 5.84 1.09
N LYS A 37 -11.76 4.78 1.81
CA LYS A 37 -10.68 4.83 2.80
C LYS A 37 -9.31 5.06 2.14
N ALA A 38 -9.09 4.53 0.93
CA ALA A 38 -7.80 4.70 0.22
C ALA A 38 -7.62 6.10 -0.30
N GLN A 39 -8.69 6.70 -0.81
CA GLN A 39 -8.66 8.11 -1.18
C GLN A 39 -8.27 9.02 -0.02
N ILE A 40 -8.69 8.65 1.20
CA ILE A 40 -8.36 9.41 2.41
C ILE A 40 -6.90 9.20 2.79
N LEU A 41 -6.51 7.95 2.93
CA LEU A 41 -5.16 7.62 3.36
C LEU A 41 -4.06 8.13 2.41
N TYR A 42 -4.37 8.22 1.12
CA TYR A 42 -3.40 8.71 0.12
C TYR A 42 -2.73 10.01 0.56
N LYS A 43 -3.52 10.99 1.01
CA LYS A 43 -2.97 12.27 1.43
C LYS A 43 -2.51 12.28 2.88
N LYS A 44 -3.25 11.58 3.74
CA LYS A 44 -2.93 11.56 5.16
C LYS A 44 -1.60 10.87 5.40
N LEU A 45 -1.30 9.82 4.64
CA LEU A 45 0.01 9.14 4.71
C LEU A 45 1.15 10.02 4.23
N MET A 46 0.92 10.77 3.14
CA MET A 46 1.90 11.80 2.70
C MET A 46 2.33 12.67 3.88
N GLU A 47 1.38 13.32 4.53
CA GLU A 47 1.70 14.25 5.63
C GLU A 47 2.15 13.55 6.93
N LYS A 48 1.85 12.26 7.10
CA LYS A 48 2.27 11.51 8.29
C LYS A 48 3.69 10.96 8.17
N TYR A 49 4.02 10.39 7.02
CA TYR A 49 5.31 9.71 6.83
C TYR A 49 6.18 10.35 5.76
N SER A 50 5.82 11.55 5.31
CA SER A 50 6.60 12.26 4.30
C SER A 50 7.06 11.30 3.21
N VAL A 51 6.13 10.51 2.69
CA VAL A 51 6.44 9.43 1.75
C VAL A 51 7.21 9.94 0.53
N THR A 52 8.15 9.14 0.05
CA THR A 52 8.94 9.50 -1.13
C THR A 52 8.14 9.24 -2.40
N PHE A 53 7.38 8.16 -2.39
CA PHE A 53 6.44 7.83 -3.45
C PHE A 53 5.19 7.25 -2.83
N ILE A 54 4.03 7.61 -3.37
CA ILE A 54 2.79 6.90 -3.08
C ILE A 54 1.93 6.81 -4.34
N SER A 55 1.29 5.67 -4.51
CA SER A 55 0.40 5.43 -5.65
C SER A 55 -0.84 4.68 -5.20
N ARG A 56 -1.95 4.99 -5.86
CA ARG A 56 -3.25 4.42 -5.57
C ARG A 56 -3.75 3.65 -6.79
N HIS A 57 -4.18 2.42 -6.55
CA HIS A 57 -4.48 1.47 -7.61
C HIS A 57 -5.86 0.86 -7.42
N GLY A 58 -6.68 0.91 -8.48
CA GLY A 58 -8.02 0.33 -8.47
C GLY A 58 -8.03 -1.18 -8.65
N PHE A 59 -8.99 -1.84 -7.98
CA PHE A 59 -9.27 -3.27 -8.11
C PHE A 59 -10.76 -3.53 -7.78
N GLY A 60 -11.60 -3.55 -8.81
CA GLY A 60 -13.05 -3.58 -8.63
C GLY A 60 -13.44 -2.34 -7.83
N GLY A 61 -14.18 -2.52 -6.74
CA GLY A 61 -14.52 -1.42 -5.85
C GLY A 61 -13.43 -1.02 -4.87
N HIS A 62 -12.42 -1.86 -4.73
CA HIS A 62 -11.40 -1.65 -3.75
C HIS A 62 -10.19 -0.94 -4.31
N ASN A 63 -9.30 -0.54 -3.39
CA ASN A 63 -8.06 0.16 -3.73
C ASN A 63 -6.88 -0.48 -3.04
N ILE A 64 -5.72 -0.36 -3.70
CA ILE A 64 -4.44 -0.75 -3.12
C ILE A 64 -3.55 0.49 -3.16
N LEU A 65 -3.09 0.91 -1.98
CA LEU A 65 -2.09 1.96 -1.83
C LEU A 65 -0.74 1.30 -1.71
N PHE A 66 0.23 1.83 -2.42
CA PHE A 66 1.59 1.36 -2.33
C PHE A 66 2.44 2.59 -2.09
N PHE A 67 3.28 2.56 -1.07
CA PHE A 67 4.14 3.70 -0.76
C PHE A 67 5.48 3.33 -0.16
N LEU A 68 6.42 4.25 -0.36
CA LEU A 68 7.77 4.15 0.17
C LEU A 68 7.93 5.30 1.14
N THR A 69 8.63 5.02 2.23
CA THR A 69 8.93 6.02 3.26
C THR A 69 10.44 6.27 3.31
N PRO A 70 10.85 7.51 3.65
CA PRO A 70 12.28 7.83 3.76
C PRO A 70 12.99 7.18 4.95
N HIS A 71 12.27 7.09 6.08
CA HIS A 71 12.74 6.31 7.24
C HIS A 71 12.00 4.98 7.29
N ARG A 72 12.61 3.98 7.92
CA ARG A 72 11.95 2.68 8.13
C ARG A 72 10.92 2.82 9.25
N HIS A 73 9.86 2.02 9.16
CA HIS A 73 8.84 1.90 10.21
C HIS A 73 8.45 0.43 10.38
N ARG A 74 7.85 0.13 11.53
CA ARG A 74 7.21 -1.15 11.78
C ARG A 74 5.89 -1.20 11.01
N VAL A 75 5.56 -2.35 10.46
CA VAL A 75 4.29 -2.53 9.73
C VAL A 75 3.11 -2.35 10.67
N SER A 76 3.21 -2.90 11.87
CA SER A 76 2.21 -2.66 12.92
C SER A 76 1.95 -1.17 13.23
N ALA A 77 2.94 -0.31 13.03
CA ALA A 77 2.78 1.12 13.29
C ALA A 77 1.96 1.78 12.19
N ILE A 78 2.34 1.49 10.95
CA ILE A 78 1.62 1.96 9.77
C ILE A 78 0.16 1.49 9.81
N ASN A 79 -0.02 0.20 10.11
CA ASN A 79 -1.34 -0.37 10.20
C ASN A 79 -2.19 0.31 11.26
N ASN A 80 -1.61 0.52 12.43
CA ASN A 80 -2.30 1.14 13.55
C ASN A 80 -2.83 2.52 13.17
N TYR A 81 -2.02 3.26 12.44
CA TYR A 81 -2.39 4.58 11.96
C TYR A 81 -3.54 4.49 10.97
N CYS A 82 -3.44 3.52 10.06
CA CYS A 82 -4.46 3.27 9.07
C CYS A 82 -5.79 2.81 9.68
N GLN A 83 -5.70 1.95 10.69
CA GLN A 83 -6.87 1.45 11.41
C GLN A 83 -7.66 2.55 12.12
N LYS A 84 -7.00 3.62 12.50
CA LYS A 84 -7.67 4.76 13.11
C LYS A 84 -8.65 5.44 12.16
N LEU A 85 -8.29 5.49 10.88
CA LEU A 85 -9.09 6.19 9.87
C LEU A 85 -10.18 5.29 9.22
N CYS A 86 -10.15 3.98 9.49
CA CYS A 86 -11.29 3.09 9.25
C CYS A 86 -12.08 2.93 10.51
N THR A 87 -13.26 2.34 10.37
CA THR A 87 -14.12 2.07 11.52
C THR A 87 -14.78 0.72 11.32
N PHE A 88 -15.62 0.63 10.30
CA PHE A 88 -16.24 -0.62 9.88
C PHE A 88 -15.64 -1.12 8.56
N SER A 89 -14.90 -0.25 7.86
CA SER A 89 -14.20 -0.66 6.64
C SER A 89 -13.07 -1.60 6.98
N PHE A 90 -12.93 -2.62 6.14
CA PHE A 90 -11.79 -3.53 6.22
C PHE A 90 -10.53 -2.75 5.82
N LEU A 91 -9.40 -3.23 6.31
CA LEU A 91 -8.11 -2.70 5.92
C LEU A 91 -7.04 -3.75 6.17
N ILE A 92 -6.26 -4.05 5.12
CA ILE A 92 -5.15 -4.99 5.20
C ILE A 92 -3.90 -4.16 4.96
N CYS A 93 -2.93 -4.27 5.88
CA CYS A 93 -1.66 -3.55 5.76
C CYS A 93 -0.48 -4.52 5.92
N LYS A 94 0.39 -4.52 4.90
CA LYS A 94 1.54 -5.39 4.87
C LYS A 94 2.78 -4.72 4.31
N GLY A 95 3.93 -5.24 4.72
CA GLY A 95 5.21 -4.81 4.17
C GLY A 95 5.42 -5.41 2.80
N VAL A 96 6.07 -4.64 1.94
CA VAL A 96 6.26 -5.02 0.56
C VAL A 96 7.71 -5.41 0.39
N ASN A 97 7.96 -6.68 0.09
CA ASN A 97 9.34 -7.17 -0.14
C ASN A 97 9.89 -6.98 -1.55
N LYS A 98 9.04 -6.59 -2.51
CA LYS A 98 9.40 -6.54 -3.92
C LYS A 98 8.85 -5.27 -4.55
N GLU A 99 9.56 -4.16 -4.40
CA GLU A 99 8.97 -2.83 -4.62
C GLU A 99 8.53 -2.51 -6.07
N TYR A 100 9.48 -2.37 -7.01
CA TYR A 100 9.14 -2.03 -8.41
C TYR A 100 8.28 -3.12 -9.13
N LEU A 101 8.42 -4.38 -8.73
CA LEU A 101 7.67 -5.48 -9.37
C LEU A 101 6.21 -5.53 -8.89
N PHE A 102 6.02 -5.41 -7.57
CA PHE A 102 4.69 -5.20 -6.95
C PHE A 102 3.99 -4.06 -7.67
N TYR A 103 4.67 -2.91 -7.73
CA TYR A 103 4.18 -1.71 -8.39
C TYR A 103 3.78 -1.94 -9.83
N SER A 104 4.63 -2.66 -10.57
CA SER A 104 4.38 -2.97 -11.97
C SER A 104 3.16 -3.92 -12.17
N ALA A 105 2.98 -4.89 -11.27
CA ALA A 105 1.76 -5.73 -11.26
C ALA A 105 0.52 -4.88 -11.00
N LEU A 106 0.64 -3.90 -10.11
CA LEU A 106 -0.44 -2.96 -9.83
C LEU A 106 -0.71 -1.96 -10.96
N CYS A 107 0.25 -1.78 -11.87
CA CYS A 107 0.06 -0.94 -13.07
C CYS A 107 -0.56 -1.67 -14.28
N ARG A 108 -0.81 -2.98 -14.14
CA ARG A 108 -1.38 -3.79 -15.22
C ARG A 108 -2.61 -4.55 -14.75
N GLN A 109 -3.36 -5.06 -15.73
CA GLN A 109 -4.58 -5.82 -15.43
C GLN A 109 -4.25 -6.98 -14.47
N PRO A 110 -5.11 -7.26 -13.49
CA PRO A 110 -6.45 -6.65 -13.35
C PRO A 110 -6.50 -5.29 -12.65
N TYR A 111 -5.33 -4.71 -12.37
CA TYR A 111 -5.22 -3.45 -11.65
C TYR A 111 -5.06 -2.28 -12.59
N ALA A 112 -5.21 -1.08 -12.02
CA ALA A 112 -5.06 0.17 -12.75
C ALA A 112 -4.63 1.25 -11.78
N VAL A 113 -3.75 2.14 -12.22
CA VAL A 113 -3.27 3.24 -11.37
C VAL A 113 -4.24 4.44 -11.47
N VAL A 114 -4.86 4.79 -10.35
CA VAL A 114 -5.81 5.88 -10.29
C VAL A 114 -5.06 7.20 -10.11
N GLU A 115 -4.10 7.21 -9.19
CA GLU A 115 -3.22 8.37 -9.01
C GLU A 115 -1.93 7.98 -8.36
N GLU A 116 -0.93 8.85 -8.47
CA GLU A 116 0.37 8.61 -7.86
C GLU A 116 1.13 9.93 -7.71
N SER A 117 1.97 9.98 -6.67
CA SER A 117 2.59 11.23 -6.24
C SER A 117 3.68 11.80 -7.17
N ILE A 118 4.15 11.01 -8.15
CA ILE A 118 5.11 11.49 -9.14
C ILE A 118 4.56 11.23 -10.55
N GLN A 119 4.57 12.28 -11.38
CA GLN A 119 4.19 12.16 -12.79
C GLN A 119 5.05 11.10 -13.50
N GLY A 120 4.39 10.12 -14.12
CA GLY A 120 5.08 8.96 -14.69
C GLY A 120 5.36 7.85 -13.69
N GLY A 121 4.99 8.05 -12.41
CA GLY A 121 5.22 7.05 -11.38
C GLY A 121 6.68 6.75 -11.11
N LEU A 122 6.94 5.53 -10.66
CA LEU A 122 8.30 5.05 -10.41
C LEU A 122 9.02 4.67 -11.69
N LYS A 123 10.32 4.98 -11.71
CA LYS A 123 11.24 4.39 -12.66
C LYS A 123 12.04 3.34 -11.89
N GLU A 124 12.35 2.22 -12.55
CA GLU A 124 13.10 1.13 -11.90
C GLU A 124 14.49 1.53 -11.42
N HIS A 125 15.10 2.51 -12.09
CA HIS A 125 16.39 3.08 -11.66
C HIS A 125 16.34 3.87 -10.34
N ASP A 126 15.18 4.42 -9.98
CA ASP A 126 14.99 5.13 -8.69
C ASP A 126 15.12 4.18 -7.47
N LEU A 127 14.77 2.91 -7.65
CA LEU A 127 14.86 1.87 -6.61
C LEU A 127 16.07 0.94 -6.75
N ASN A 128 16.22 0.37 -7.95
CA ASN A 128 17.40 -0.40 -8.34
C ASN A 128 17.72 -1.58 -7.41
C1 EDO B . -3.56 -6.65 9.07
O1 EDO B . -3.67 -5.54 8.17
C2 EDO B . -2.40 -6.44 10.05
O2 EDO B . -1.27 -5.84 9.39
#